data_1IE4
#
_entry.id   1IE4
#
_cell.length_a   82.526
_cell.length_b   82.526
_cell.length_c   161.844
_cell.angle_alpha   90.00
_cell.angle_beta   90.00
_cell.angle_gamma   90.00
#
_symmetry.space_group_name_H-M   'P 43 21 2'
#
loop_
_entity.id
_entity.type
_entity.pdbx_description
1 polymer TRANSTHYRETIN
2 non-polymer "3,5,3',5'-TETRAIODO-L-THYRONINE"
3 water water
#
_entity_poly.entity_id   1
_entity_poly.type   'polypeptide(L)'
_entity_poly.pdbx_seq_one_letter_code
;GPGGAGESKCPLMVKVLDAVRGSPAVDVAVKVFKKTADGSWEPFASGKTAESGELHGLTTDEKFTEGVYRVELDTKSYWK
ALGISPFHEYAEVVFTANDSGHRHYTIAALLSPYSYSTTAVVSNPQN
;
_entity_poly.pdbx_strand_id   A,B,C,D
#
loop_
_chem_comp.id
_chem_comp.type
_chem_comp.name
_chem_comp.formula
T44 non-polymer 3,5,3',5'-TETRAIODO-L-THYRONINE 'C15 H11 I4 N O4'
#
# COMPACT_ATOMS: atom_id res chain seq x y z
N SER A 8 16.18 -11.85 -23.94
CA SER A 8 15.02 -12.67 -24.39
C SER A 8 13.73 -12.20 -23.71
N LYS A 9 13.86 -11.63 -22.50
CA LYS A 9 12.70 -11.13 -21.76
C LYS A 9 12.09 -9.89 -22.40
N CYS A 10 10.75 -9.81 -22.38
CA CYS A 10 10.01 -8.69 -22.95
C CYS A 10 10.03 -7.41 -22.08
N PRO A 11 10.00 -6.25 -22.74
CA PRO A 11 10.01 -4.92 -22.12
C PRO A 11 8.95 -4.59 -21.07
N LEU A 12 7.68 -4.90 -21.33
CA LEU A 12 6.61 -4.56 -20.38
C LEU A 12 5.92 -5.76 -19.75
N MET A 13 5.83 -5.76 -18.42
CA MET A 13 5.19 -6.84 -17.70
C MET A 13 4.19 -6.32 -16.68
N VAL A 14 3.11 -7.08 -16.49
CA VAL A 14 2.08 -6.71 -15.55
C VAL A 14 1.83 -7.88 -14.62
N LYS A 15 1.89 -7.62 -13.32
CA LYS A 15 1.70 -8.62 -12.28
C LYS A 15 0.60 -8.07 -11.37
N VAL A 16 -0.45 -8.86 -11.15
CA VAL A 16 -1.59 -8.45 -10.33
C VAL A 16 -1.94 -9.45 -9.22
N LEU A 17 -1.94 -8.99 -7.97
CA LEU A 17 -2.26 -9.84 -6.83
C LEU A 17 -3.59 -9.45 -6.22
N ASP A 18 -4.17 -10.38 -5.48
CA ASP A 18 -5.46 -10.21 -4.79
C ASP A 18 -5.17 -10.20 -3.30
N ALA A 19 -5.50 -9.09 -2.64
CA ALA A 19 -5.26 -8.97 -1.20
C ALA A 19 -6.30 -9.64 -0.31
N VAL A 20 -7.54 -9.78 -0.80
CA VAL A 20 -8.60 -10.43 -0.02
C VAL A 20 -8.36 -11.94 0.06
N ARG A 21 -8.01 -12.54 -1.09
CA ARG A 21 -7.78 -13.98 -1.16
C ARG A 21 -6.32 -14.42 -1.02
N GLY A 22 -5.38 -13.48 -1.14
CA GLY A 22 -3.98 -13.83 -1.00
C GLY A 22 -3.53 -14.79 -2.07
N SER A 23 -3.68 -14.37 -3.31
CA SER A 23 -3.31 -15.19 -4.44
C SER A 23 -3.29 -14.30 -5.66
N PRO A 24 -2.78 -14.80 -6.78
CA PRO A 24 -2.75 -13.96 -7.98
C PRO A 24 -4.16 -13.70 -8.50
N ALA A 25 -4.33 -12.55 -9.16
CA ALA A 25 -5.61 -12.17 -9.74
C ALA A 25 -5.64 -12.69 -11.16
N VAL A 26 -6.41 -13.75 -11.39
CA VAL A 26 -6.53 -14.36 -12.72
C VAL A 26 -7.67 -13.76 -13.54
N ASP A 27 -7.38 -13.49 -14.81
CA ASP A 27 -8.33 -12.93 -15.78
C ASP A 27 -8.70 -11.45 -15.62
N VAL A 28 -7.76 -10.66 -15.15
CA VAL A 28 -7.98 -9.24 -15.02
C VAL A 28 -7.71 -8.72 -16.43
N ALA A 29 -8.68 -8.00 -16.99
CA ALA A 29 -8.56 -7.42 -18.33
C ALA A 29 -7.56 -6.27 -18.35
N VAL A 30 -6.56 -6.36 -19.21
CA VAL A 30 -5.54 -5.33 -19.29
C VAL A 30 -5.46 -4.64 -20.63
N LYS A 31 -5.50 -3.31 -20.62
CA LYS A 31 -5.42 -2.50 -21.83
C LYS A 31 -4.27 -1.48 -21.75
N VAL A 32 -3.43 -1.42 -22.78
CA VAL A 32 -2.32 -0.48 -22.80
C VAL A 32 -2.53 0.56 -23.90
N PHE A 33 -2.11 1.79 -23.65
CA PHE A 33 -2.28 2.84 -24.64
C PHE A 33 -1.00 3.65 -24.80
N LYS A 34 -0.86 4.31 -25.94
CA LYS A 34 0.28 5.14 -26.22
C LYS A 34 -0.21 6.50 -26.66
N LYS A 35 0.32 7.55 -26.06
CA LYS A 35 -0.05 8.93 -26.37
C LYS A 35 0.61 9.35 -27.67
N THR A 36 -0.18 9.97 -28.55
CA THR A 36 0.32 10.40 -29.86
C THR A 36 0.53 11.90 -30.01
N ALA A 37 1.19 12.26 -31.11
CA ALA A 37 1.52 13.64 -31.45
C ALA A 37 0.39 14.65 -31.16
N ASP A 38 -0.86 14.24 -31.43
CA ASP A 38 -2.05 15.07 -31.22
C ASP A 38 -2.36 15.31 -29.75
N GLY A 39 -1.77 14.47 -28.89
CA GLY A 39 -2.03 14.55 -27.46
C GLY A 39 -3.21 13.64 -27.16
N SER A 40 -3.45 12.72 -28.10
CA SER A 40 -4.54 11.75 -28.02
C SER A 40 -3.97 10.37 -27.71
N TRP A 41 -4.85 9.43 -27.36
CA TRP A 41 -4.44 8.06 -27.03
C TRP A 41 -4.66 7.07 -28.17
N GLU A 42 -3.65 6.26 -28.42
CA GLU A 42 -3.69 5.25 -29.49
C GLU A 42 -3.56 3.85 -28.86
N PRO A 43 -4.38 2.89 -29.33
CA PRO A 43 -4.39 1.49 -28.85
C PRO A 43 -3.04 0.79 -29.05
N PHE A 44 -2.36 0.48 -27.96
CA PHE A 44 -1.05 -0.18 -28.05
C PHE A 44 -1.13 -1.71 -27.96
N ALA A 45 -1.69 -2.20 -26.85
CA ALA A 45 -1.84 -3.63 -26.63
C ALA A 45 -2.96 -3.94 -25.63
N SER A 46 -3.18 -5.24 -25.38
CA SER A 46 -4.19 -5.71 -24.44
C SER A 46 -4.03 -7.21 -24.17
N GLY A 47 -4.55 -7.65 -23.03
CA GLY A 47 -4.45 -9.05 -22.67
C GLY A 47 -5.18 -9.33 -21.38
N LYS A 48 -4.92 -10.49 -20.80
CA LYS A 48 -5.53 -10.90 -19.53
C LYS A 48 -4.49 -11.63 -18.70
N THR A 49 -4.50 -11.40 -17.38
CA THR A 49 -3.55 -12.07 -16.50
C THR A 49 -3.80 -13.57 -16.46
N ALA A 50 -2.71 -14.35 -16.56
CA ALA A 50 -2.82 -15.81 -16.53
C ALA A 50 -3.09 -16.27 -15.10
N GLU A 51 -2.81 -17.55 -14.82
CA GLU A 51 -3.02 -18.10 -13.49
C GLU A 51 -1.98 -17.58 -12.50
N SER A 52 -0.80 -17.23 -13.02
CA SER A 52 0.27 -16.69 -12.21
C SER A 52 -0.04 -15.23 -11.84
N GLY A 53 -1.13 -14.72 -12.43
CA GLY A 53 -1.55 -13.35 -12.20
C GLY A 53 -0.69 -12.38 -12.99
N GLU A 54 0.09 -12.93 -13.92
CA GLU A 54 0.99 -12.16 -14.76
C GLU A 54 0.46 -12.06 -16.18
N LEU A 55 1.07 -11.16 -16.96
CA LEU A 55 0.70 -10.93 -18.35
C LEU A 55 1.97 -10.76 -19.16
N HIS A 56 2.16 -11.63 -20.16
CA HIS A 56 3.35 -11.54 -20.99
C HIS A 56 3.07 -11.35 -22.48
N GLY A 57 4.10 -10.97 -23.21
CA GLY A 57 3.98 -10.76 -24.64
C GLY A 57 3.11 -9.58 -25.01
N LEU A 58 2.97 -8.63 -24.09
CA LEU A 58 2.18 -7.44 -24.37
C LEU A 58 2.79 -6.77 -25.60
N THR A 59 4.11 -6.78 -25.68
CA THR A 59 4.83 -6.19 -26.80
C THR A 59 6.29 -6.66 -26.89
N THR A 60 7.05 -6.07 -27.82
CA THR A 60 8.45 -6.40 -28.04
C THR A 60 9.35 -5.18 -27.92
N ASP A 61 10.65 -5.41 -27.79
CA ASP A 61 11.63 -4.34 -27.66
C ASP A 61 11.58 -3.31 -28.80
N GLU A 62 11.34 -3.78 -30.02
CA GLU A 62 11.27 -2.91 -31.20
C GLU A 62 10.01 -2.03 -31.27
N LYS A 63 8.89 -2.55 -30.76
CA LYS A 63 7.62 -1.83 -30.77
C LYS A 63 7.45 -0.87 -29.61
N PHE A 64 8.08 -1.18 -28.49
CA PHE A 64 7.99 -0.37 -27.28
C PHE A 64 9.05 0.74 -27.29
N THR A 65 8.72 1.86 -27.94
CA THR A 65 9.63 3.01 -28.03
C THR A 65 9.39 4.01 -26.92
N GLU A 66 10.05 5.17 -27.01
CA GLU A 66 9.89 6.22 -26.02
C GLU A 66 8.48 6.77 -26.16
N GLY A 67 7.89 7.20 -25.04
CA GLY A 67 6.55 7.74 -25.09
C GLY A 67 5.78 7.63 -23.79
N VAL A 68 4.58 8.20 -23.78
CA VAL A 68 3.72 8.16 -22.61
C VAL A 68 2.77 6.98 -22.80
N TYR A 69 2.69 6.11 -21.80
CA TYR A 69 1.83 4.94 -21.87
C TYR A 69 0.82 4.99 -20.75
N ARG A 70 -0.24 4.22 -20.93
CA ARG A 70 -1.35 4.17 -19.99
C ARG A 70 -1.86 2.75 -19.94
N VAL A 71 -1.52 2.06 -18.86
CA VAL A 71 -1.95 0.68 -18.64
C VAL A 71 -3.23 0.76 -17.83
N GLU A 72 -4.33 0.30 -18.43
CA GLU A 72 -5.63 0.30 -17.77
C GLU A 72 -6.00 -1.10 -17.30
N LEU A 73 -6.41 -1.21 -16.05
CA LEU A 73 -6.78 -2.49 -15.46
C LEU A 73 -8.26 -2.55 -15.09
N ASP A 74 -8.98 -3.46 -15.73
CA ASP A 74 -10.39 -3.63 -15.47
C ASP A 74 -10.62 -4.35 -14.15
N THR A 75 -10.56 -3.59 -13.06
CA THR A 75 -10.71 -4.13 -11.73
C THR A 75 -12.15 -4.25 -11.24
N LYS A 76 -13.08 -3.59 -11.92
CA LYS A 76 -14.49 -3.66 -11.50
C LYS A 76 -15.06 -5.03 -11.86
N SER A 77 -14.91 -5.43 -13.12
CA SER A 77 -15.39 -6.72 -13.59
C SER A 77 -14.87 -7.85 -12.72
N TYR A 78 -13.59 -7.75 -12.35
CA TYR A 78 -12.92 -8.75 -11.53
C TYR A 78 -13.67 -9.00 -10.23
N TRP A 79 -13.95 -7.93 -9.49
CA TRP A 79 -14.65 -8.03 -8.21
C TRP A 79 -16.11 -8.42 -8.37
N LYS A 80 -16.79 -7.76 -9.32
CA LYS A 80 -18.20 -8.02 -9.61
C LYS A 80 -18.47 -9.47 -9.97
N ALA A 81 -17.43 -10.13 -10.48
CA ALA A 81 -17.53 -11.54 -10.86
C ALA A 81 -17.60 -12.41 -9.61
N LEU A 82 -16.89 -12.00 -8.55
CA LEU A 82 -16.85 -12.74 -7.26
C LEU A 82 -18.04 -12.42 -6.33
N GLY A 83 -18.84 -11.41 -6.70
CA GLY A 83 -19.98 -11.04 -5.88
C GLY A 83 -19.65 -9.84 -5.00
N ILE A 84 -18.48 -9.27 -5.23
CA ILE A 84 -18.01 -8.11 -4.47
C ILE A 84 -18.30 -6.85 -5.27
N SER A 85 -18.78 -5.81 -4.57
CA SER A 85 -19.08 -4.54 -5.22
C SER A 85 -17.91 -3.66 -4.82
N PRO A 86 -16.99 -3.43 -5.77
CA PRO A 86 -15.81 -2.59 -5.54
C PRO A 86 -16.15 -1.11 -5.61
N PHE A 87 -15.13 -0.28 -5.52
CA PHE A 87 -15.27 1.15 -5.58
C PHE A 87 -14.90 1.72 -6.95
N HIS A 88 -13.64 1.55 -7.34
CA HIS A 88 -13.11 2.06 -8.61
C HIS A 88 -13.67 1.34 -9.84
N GLU A 89 -13.73 2.05 -10.97
CA GLU A 89 -14.21 1.47 -12.22
C GLU A 89 -13.08 0.65 -12.82
N TYR A 90 -11.85 1.12 -12.61
CA TYR A 90 -10.64 0.49 -13.09
C TYR A 90 -9.43 1.19 -12.50
N ALA A 91 -8.27 0.54 -12.54
CA ALA A 91 -7.04 1.11 -11.99
C ALA A 91 -6.15 1.41 -13.16
N GLU A 92 -5.81 2.69 -13.31
CA GLU A 92 -4.99 3.16 -14.42
C GLU A 92 -3.57 3.56 -13.98
N VAL A 93 -2.58 3.21 -14.81
CA VAL A 93 -1.18 3.53 -14.53
C VAL A 93 -0.58 4.26 -15.73
N VAL A 94 -0.39 5.56 -15.60
CA VAL A 94 0.20 6.39 -16.67
C VAL A 94 1.66 6.73 -16.36
N PHE A 95 2.55 6.39 -17.28
CA PHE A 95 3.99 6.64 -17.09
C PHE A 95 4.69 6.89 -18.43
N THR A 96 5.94 7.34 -18.34
CA THR A 96 6.75 7.60 -19.53
C THR A 96 7.76 6.48 -19.66
N ALA A 97 7.83 5.89 -20.86
CA ALA A 97 8.72 4.77 -21.12
C ALA A 97 9.95 5.11 -21.94
N ASN A 98 10.95 4.23 -21.85
CA ASN A 98 12.21 4.38 -22.56
C ASN A 98 12.74 5.81 -22.61
N ASP A 99 12.58 6.50 -21.48
CA ASP A 99 13.02 7.88 -21.34
C ASP A 99 14.54 7.90 -21.53
N SER A 100 15.25 7.23 -20.62
CA SER A 100 16.70 7.14 -20.67
C SER A 100 17.06 5.95 -21.57
N GLY A 101 16.71 6.07 -22.86
CA GLY A 101 16.97 4.99 -23.80
C GLY A 101 16.17 3.76 -23.44
N HIS A 102 16.65 2.59 -23.85
CA HIS A 102 15.95 1.34 -23.57
C HIS A 102 15.98 0.87 -22.11
N ARG A 103 14.84 0.33 -21.67
CA ARG A 103 14.64 -0.17 -20.32
C ARG A 103 13.56 -1.25 -20.32
N HIS A 104 13.49 -2.00 -19.22
CA HIS A 104 12.47 -3.03 -19.06
C HIS A 104 11.63 -2.59 -17.87
N TYR A 105 10.31 -2.79 -17.98
CA TYR A 105 9.38 -2.36 -16.94
C TYR A 105 8.54 -3.46 -16.36
N THR A 106 8.08 -3.22 -15.13
CA THR A 106 7.21 -4.15 -14.43
C THR A 106 6.24 -3.33 -13.60
N ILE A 107 4.96 -3.52 -13.88
CA ILE A 107 3.91 -2.81 -13.16
C ILE A 107 3.18 -3.82 -12.26
N ALA A 108 3.29 -3.63 -10.96
CA ALA A 108 2.61 -4.51 -10.02
C ALA A 108 1.46 -3.74 -9.43
N ALA A 109 0.32 -4.41 -9.33
CA ALA A 109 -0.87 -3.79 -8.79
C ALA A 109 -1.46 -4.76 -7.76
N LEU A 110 -1.78 -4.24 -6.57
CA LEU A 110 -2.38 -5.04 -5.50
C LEU A 110 -3.83 -4.62 -5.39
N LEU A 111 -4.74 -5.59 -5.51
CA LEU A 111 -6.17 -5.30 -5.47
C LEU A 111 -6.91 -5.61 -4.18
N SER A 112 -7.89 -4.74 -3.91
CA SER A 112 -8.79 -4.81 -2.77
C SER A 112 -10.05 -4.06 -3.21
N PRO A 113 -11.21 -4.39 -2.64
CA PRO A 113 -12.44 -3.72 -3.01
C PRO A 113 -12.39 -2.18 -3.00
N TYR A 114 -12.02 -1.56 -1.89
CA TYR A 114 -11.97 -0.08 -1.83
C TYR A 114 -10.56 0.50 -1.78
N SER A 115 -9.60 -0.23 -2.32
CA SER A 115 -8.22 0.21 -2.31
C SER A 115 -7.38 -0.53 -3.34
N TYR A 116 -6.36 0.14 -3.84
CA TYR A 116 -5.45 -0.48 -4.79
C TYR A 116 -4.09 0.22 -4.77
N SER A 117 -3.06 -0.59 -4.59
CA SER A 117 -1.69 -0.12 -4.52
C SER A 117 -0.89 -0.56 -5.76
N THR A 118 -0.34 0.40 -6.50
CA THR A 118 0.46 0.05 -7.67
C THR A 118 1.90 0.57 -7.59
N THR A 119 2.84 -0.30 -7.94
CA THR A 119 4.27 0.02 -7.91
C THR A 119 4.99 -0.41 -9.18
N ALA A 120 6.12 0.23 -9.45
CA ALA A 120 6.89 -0.09 -10.64
C ALA A 120 8.30 -0.50 -10.27
N VAL A 121 8.89 -1.33 -11.13
CA VAL A 121 10.26 -1.81 -10.97
C VAL A 121 10.95 -1.65 -12.32
N VAL A 122 11.82 -0.65 -12.41
CA VAL A 122 12.53 -0.38 -13.64
C VAL A 122 13.91 -0.99 -13.54
N SER A 123 14.26 -1.80 -14.53
CA SER A 123 15.55 -2.48 -14.56
C SER A 123 16.20 -2.41 -15.93
N ASN A 124 17.53 -2.52 -15.94
CA ASN A 124 18.30 -2.50 -17.16
C ASN A 124 18.52 -3.94 -17.66
N PRO A 125 18.48 -4.15 -18.99
CA PRO A 125 18.68 -5.47 -19.58
C PRO A 125 20.19 -5.84 -19.57
N GLN A 126 21.02 -4.81 -19.40
CA GLN A 126 22.48 -4.94 -19.36
C GLN A 126 23.09 -3.84 -18.49
N ASN A 127 23.36 -4.18 -17.22
CA ASN A 127 23.96 -3.24 -16.28
C ASN A 127 24.34 -4.01 -15.00
N SER B 8 -16.46 16.78 6.90
CA SER B 8 -17.74 16.25 7.45
C SER B 8 -18.97 16.90 6.80
N LYS B 9 -18.75 18.05 6.18
CA LYS B 9 -19.81 18.82 5.51
C LYS B 9 -19.79 18.63 4.00
N CYS B 10 -18.60 18.79 3.41
CA CYS B 10 -18.40 18.61 1.98
C CYS B 10 -18.38 17.10 1.72
N PRO B 11 -19.15 16.64 0.73
CA PRO B 11 -19.23 15.21 0.37
C PRO B 11 -17.94 14.58 -0.15
N LEU B 12 -17.06 15.41 -0.71
CA LEU B 12 -15.80 14.94 -1.26
C LEU B 12 -14.56 15.58 -0.63
N MET B 13 -13.59 14.74 -0.26
CA MET B 13 -12.34 15.19 0.34
C MET B 13 -11.17 14.34 -0.15
N VAL B 14 -10.03 15.00 -0.38
CA VAL B 14 -8.85 14.30 -0.84
C VAL B 14 -7.76 14.50 0.19
N LYS B 15 -7.25 13.40 0.74
CA LYS B 15 -6.19 13.43 1.72
C LYS B 15 -4.96 12.76 1.10
N VAL B 16 -3.87 13.51 0.95
CA VAL B 16 -2.64 12.98 0.35
C VAL B 16 -1.45 12.96 1.33
N LEU B 17 -0.73 11.84 1.36
CA LEU B 17 0.43 11.69 2.24
C LEU B 17 1.70 11.35 1.47
N ASP B 18 2.83 11.82 2.00
CA ASP B 18 4.13 11.56 1.39
C ASP B 18 4.78 10.47 2.22
N ALA B 19 5.07 9.34 1.57
CA ALA B 19 5.67 8.20 2.24
C ALA B 19 7.17 8.28 2.44
N VAL B 20 7.83 9.17 1.71
CA VAL B 20 9.25 9.31 1.84
C VAL B 20 9.65 10.20 3.03
N ARG B 21 8.86 11.22 3.31
CA ARG B 21 9.19 12.16 4.38
C ARG B 21 8.36 12.06 5.66
N GLY B 22 7.31 11.24 5.65
CA GLY B 22 6.49 11.11 6.83
C GLY B 22 5.78 12.41 7.13
N SER B 23 4.97 12.85 6.17
CA SER B 23 4.24 14.10 6.29
C SER B 23 3.19 14.17 5.20
N PRO B 24 2.17 15.02 5.40
CA PRO B 24 1.11 15.17 4.40
C PRO B 24 1.72 15.87 3.20
N ALA B 25 1.28 15.53 2.00
CA ALA B 25 1.81 16.15 0.79
C ALA B 25 1.12 17.48 0.60
N VAL B 26 1.90 18.56 0.57
CA VAL B 26 1.30 19.89 0.39
C VAL B 26 1.29 20.39 -1.05
N ASP B 27 0.29 21.20 -1.36
CA ASP B 27 0.11 21.79 -2.68
C ASP B 27 0.20 20.83 -3.86
N VAL B 28 -0.48 19.70 -3.74
CA VAL B 28 -0.49 18.73 -4.84
C VAL B 28 -1.73 19.14 -5.63
N ALA B 29 -1.56 19.28 -6.94
CA ALA B 29 -2.65 19.69 -7.81
C ALA B 29 -3.73 18.61 -7.89
N VAL B 30 -4.97 18.97 -7.60
CA VAL B 30 -6.08 18.02 -7.67
C VAL B 30 -7.19 18.54 -8.59
N LYS B 31 -7.40 17.85 -9.70
CA LYS B 31 -8.44 18.23 -10.67
C LYS B 31 -9.51 17.17 -10.78
N VAL B 32 -10.77 17.59 -10.65
CA VAL B 32 -11.90 16.65 -10.74
C VAL B 32 -12.61 16.78 -12.07
N PHE B 33 -12.83 15.64 -12.72
CA PHE B 33 -13.54 15.58 -13.99
C PHE B 33 -14.78 14.69 -13.82
N LYS B 34 -15.86 15.10 -14.46
CA LYS B 34 -17.11 14.35 -14.39
C LYS B 34 -17.49 13.96 -15.81
N LYS B 35 -17.97 12.74 -15.97
CA LYS B 35 -18.37 12.24 -17.29
C LYS B 35 -19.74 12.80 -17.69
N THR B 36 -19.82 13.26 -18.93
CA THR B 36 -21.05 13.82 -19.49
C THR B 36 -21.93 12.74 -20.15
N ALA B 37 -23.06 13.15 -20.72
CA ALA B 37 -23.98 12.22 -21.38
C ALA B 37 -23.52 11.87 -22.79
N ASP B 38 -22.84 12.80 -23.45
CA ASP B 38 -22.34 12.57 -24.80
C ASP B 38 -21.14 11.61 -24.81
N GLY B 39 -20.58 11.36 -23.63
CA GLY B 39 -19.45 10.44 -23.51
C GLY B 39 -18.11 10.91 -22.94
N SER B 40 -17.72 12.15 -23.21
CA SER B 40 -16.44 12.69 -22.74
C SER B 40 -16.42 13.15 -21.28
N TRP B 41 -15.34 13.84 -20.90
CA TRP B 41 -15.16 14.37 -19.54
C TRP B 41 -15.21 15.89 -19.54
N GLU B 42 -15.51 16.47 -18.39
CA GLU B 42 -15.59 17.92 -18.25
C GLU B 42 -15.20 18.34 -16.83
N PRO B 43 -14.46 19.45 -16.72
CA PRO B 43 -14.01 19.97 -15.42
C PRO B 43 -15.15 20.09 -14.42
N PHE B 44 -14.95 19.54 -13.22
CA PHE B 44 -15.95 19.60 -12.17
C PHE B 44 -15.48 20.48 -11.02
N ALA B 45 -14.19 20.41 -10.73
CA ALA B 45 -13.60 21.20 -9.65
C ALA B 45 -12.08 21.11 -9.68
N SER B 46 -11.42 21.92 -8.85
CA SER B 46 -9.97 21.96 -8.76
C SER B 46 -9.52 22.55 -7.43
N GLY B 47 -8.24 22.38 -7.14
CA GLY B 47 -7.68 22.89 -5.92
C GLY B 47 -6.35 22.24 -5.65
N LYS B 48 -5.73 22.64 -4.54
CA LYS B 48 -4.45 22.09 -4.15
C LYS B 48 -4.45 21.79 -2.66
N THR B 49 -3.86 20.66 -2.29
CA THR B 49 -3.79 20.26 -0.90
C THR B 49 -3.11 21.30 0.00
N ALA B 50 -3.65 21.48 1.19
CA ALA B 50 -3.13 22.44 2.16
C ALA B 50 -1.96 21.90 2.97
N GLU B 51 -1.71 22.55 4.11
CA GLU B 51 -0.64 22.17 5.02
C GLU B 51 -0.91 20.78 5.60
N SER B 52 -2.18 20.48 5.86
CA SER B 52 -2.57 19.20 6.42
C SER B 52 -2.52 18.07 5.40
N GLY B 53 -2.34 18.45 4.13
CA GLY B 53 -2.30 17.46 3.06
C GLY B 53 -3.70 17.12 2.59
N GLU B 54 -4.68 17.88 3.08
CA GLU B 54 -6.09 17.70 2.74
C GLU B 54 -6.59 18.76 1.78
N LEU B 55 -7.74 18.50 1.21
CA LEU B 55 -8.36 19.42 0.27
C LEU B 55 -9.88 19.28 0.37
N HIS B 56 -10.44 19.89 1.41
CA HIS B 56 -11.89 19.85 1.59
C HIS B 56 -12.47 21.17 1.09
N GLY B 57 -13.75 21.14 0.74
CA GLY B 57 -14.40 22.33 0.22
C GLY B 57 -14.34 22.40 -1.30
N LEU B 58 -14.39 21.23 -1.95
CA LEU B 58 -14.35 21.16 -3.40
C LEU B 58 -15.71 21.55 -3.98
N THR B 59 -16.73 20.80 -3.57
CA THR B 59 -18.10 21.04 -4.01
C THR B 59 -19.08 20.93 -2.85
N THR B 60 -20.33 21.27 -3.11
CA THR B 60 -21.39 21.23 -2.11
C THR B 60 -22.21 19.95 -2.34
N ASP B 61 -22.84 19.44 -1.29
CA ASP B 61 -23.66 18.23 -1.38
C ASP B 61 -24.73 18.35 -2.47
N GLU B 62 -25.01 19.58 -2.90
CA GLU B 62 -26.01 19.87 -3.92
C GLU B 62 -25.48 19.76 -5.36
N LYS B 63 -24.27 20.27 -5.58
CA LYS B 63 -23.63 20.26 -6.90
C LYS B 63 -23.04 18.90 -7.27
N PHE B 64 -22.85 18.07 -6.25
CA PHE B 64 -22.28 16.72 -6.39
C PHE B 64 -23.38 15.69 -6.67
N THR B 65 -23.85 15.60 -7.92
CA THR B 65 -24.90 14.65 -8.29
C THR B 65 -24.32 13.30 -8.75
N GLU B 66 -25.16 12.28 -8.80
CA GLU B 66 -24.73 10.95 -9.20
C GLU B 66 -24.12 10.88 -10.59
N GLY B 67 -23.07 10.06 -10.71
CA GLY B 67 -22.40 9.90 -11.98
C GLY B 67 -20.97 9.42 -11.81
N VAL B 68 -20.29 9.22 -12.93
CA VAL B 68 -18.89 8.79 -12.90
C VAL B 68 -17.97 10.01 -12.67
N TYR B 69 -16.92 9.82 -11.87
CA TYR B 69 -15.99 10.89 -11.56
C TYR B 69 -14.52 10.51 -11.83
N ARG B 70 -13.65 11.51 -11.86
CA ARG B 70 -12.24 11.29 -12.10
C ARG B 70 -11.41 12.32 -11.34
N VAL B 71 -10.69 11.85 -10.33
CA VAL B 71 -9.85 12.69 -9.50
C VAL B 71 -8.39 12.56 -9.95
N GLU B 72 -7.87 13.61 -10.57
CA GLU B 72 -6.49 13.58 -11.05
C GLU B 72 -5.58 14.35 -10.10
N LEU B 73 -4.48 13.69 -9.71
CA LEU B 73 -3.48 14.30 -8.82
C LEU B 73 -2.16 14.43 -9.58
N ASP B 74 -1.67 15.66 -9.71
CA ASP B 74 -0.40 15.90 -10.40
C ASP B 74 0.72 15.54 -9.45
N THR B 75 1.13 14.28 -9.50
CA THR B 75 2.21 13.78 -8.64
C THR B 75 3.60 14.12 -9.17
N LYS B 76 3.72 14.25 -10.49
CA LYS B 76 5.00 14.56 -11.14
C LYS B 76 5.62 15.87 -10.65
N SER B 77 4.86 16.95 -10.69
CA SER B 77 5.35 18.26 -10.23
C SER B 77 5.88 18.14 -8.79
N TYR B 78 5.04 17.60 -7.92
CA TYR B 78 5.36 17.38 -6.51
C TYR B 78 6.77 16.82 -6.27
N TRP B 79 7.13 15.75 -6.97
CA TRP B 79 8.45 15.15 -6.82
C TRP B 79 9.54 15.95 -7.54
N LYS B 80 9.21 16.53 -8.69
CA LYS B 80 10.15 17.33 -9.48
C LYS B 80 10.67 18.49 -8.65
N ALA B 81 9.84 18.93 -7.70
CA ALA B 81 10.17 20.03 -6.81
C ALA B 81 11.17 19.63 -5.74
N LEU B 82 11.33 18.32 -5.51
CA LEU B 82 12.26 17.86 -4.47
C LEU B 82 13.52 17.27 -5.08
N GLY B 83 13.62 17.34 -6.40
CA GLY B 83 14.78 16.83 -7.09
C GLY B 83 14.61 15.37 -7.48
N ILE B 84 13.40 14.85 -7.31
CA ILE B 84 13.13 13.46 -7.64
C ILE B 84 12.40 13.35 -8.96
N SER B 85 12.84 12.43 -9.80
CA SER B 85 12.21 12.18 -11.10
C SER B 85 11.34 10.95 -10.84
N PRO B 86 10.04 11.15 -10.57
CA PRO B 86 9.08 10.07 -10.28
C PRO B 86 8.83 9.18 -11.47
N PHE B 87 8.01 8.16 -11.26
CA PHE B 87 7.69 7.22 -12.32
C PHE B 87 6.38 7.54 -13.04
N HIS B 88 5.32 7.73 -12.27
CA HIS B 88 4.01 8.01 -12.84
C HIS B 88 3.92 9.44 -13.31
N GLU B 89 3.09 9.67 -14.33
CA GLU B 89 2.85 11.01 -14.84
C GLU B 89 1.90 11.65 -13.84
N TYR B 90 0.99 10.83 -13.30
CA TYR B 90 0.02 11.28 -12.30
C TYR B 90 -0.76 10.10 -11.72
N ALA B 91 -1.39 10.34 -10.57
CA ALA B 91 -2.22 9.32 -9.93
C ALA B 91 -3.63 9.70 -10.34
N GLU B 92 -4.42 8.72 -10.73
CA GLU B 92 -5.78 8.96 -11.19
C GLU B 92 -6.77 7.99 -10.55
N VAL B 93 -7.88 8.53 -10.05
CA VAL B 93 -8.92 7.73 -9.39
C VAL B 93 -10.28 7.92 -10.08
N VAL B 94 -10.79 6.85 -10.69
CA VAL B 94 -12.08 6.90 -11.40
C VAL B 94 -13.11 6.05 -10.65
N PHE B 95 -14.31 6.60 -10.44
CA PHE B 95 -15.35 5.87 -9.70
C PHE B 95 -16.74 6.43 -9.96
N THR B 96 -17.77 5.60 -9.72
CA THR B 96 -19.16 6.01 -9.89
C THR B 96 -19.69 6.44 -8.53
N ALA B 97 -20.12 7.69 -8.43
CA ALA B 97 -20.61 8.24 -7.17
C ALA B 97 -22.12 8.42 -7.03
N ASN B 98 -22.59 8.19 -5.80
CA ASN B 98 -23.99 8.32 -5.41
C ASN B 98 -25.01 7.60 -6.27
N ASP B 99 -24.67 6.40 -6.72
CA ASP B 99 -25.60 5.61 -7.51
C ASP B 99 -26.71 5.11 -6.59
N SER B 100 -26.37 4.91 -5.31
CA SER B 100 -27.30 4.45 -4.28
C SER B 100 -27.59 5.56 -3.27
N GLY B 101 -28.15 6.66 -3.76
CA GLY B 101 -28.47 7.80 -2.89
C GLY B 101 -27.23 8.59 -2.49
N HIS B 102 -27.44 9.74 -1.85
CA HIS B 102 -26.34 10.61 -1.39
C HIS B 102 -25.38 9.92 -0.40
N ARG B 103 -24.10 10.27 -0.51
CA ARG B 103 -23.04 9.72 0.34
C ARG B 103 -21.91 10.73 0.60
N HIS B 104 -20.85 10.24 1.22
CA HIS B 104 -19.66 11.01 1.55
C HIS B 104 -18.43 10.18 1.22
N TYR B 105 -17.61 10.66 0.29
CA TYR B 105 -16.43 9.93 -0.10
C TYR B 105 -15.14 10.69 0.17
N THR B 106 -14.19 10.04 0.83
CA THR B 106 -12.90 10.68 1.04
C THR B 106 -11.85 9.78 0.38
N ILE B 107 -11.31 10.26 -0.73
CA ILE B 107 -10.28 9.50 -1.45
C ILE B 107 -8.95 9.84 -0.80
N ALA B 108 -8.18 8.83 -0.48
CA ALA B 108 -6.89 9.06 0.16
C ALA B 108 -5.77 8.44 -0.66
N ALA B 109 -4.72 9.23 -0.89
CA ALA B 109 -3.55 8.80 -1.65
C ALA B 109 -2.30 8.80 -0.78
N LEU B 110 -1.42 7.81 -1.03
CA LEU B 110 -0.17 7.62 -0.30
C LEU B 110 0.90 7.65 -1.38
N LEU B 111 1.71 8.70 -1.38
CA LEU B 111 2.74 8.88 -2.41
C LEU B 111 4.17 8.45 -2.14
N SER B 112 4.77 7.87 -3.17
CA SER B 112 6.15 7.41 -3.19
C SER B 112 6.56 7.59 -4.63
N PRO B 113 7.83 7.94 -4.90
CA PRO B 113 8.30 8.15 -6.27
C PRO B 113 7.90 7.08 -7.28
N TYR B 114 8.13 5.81 -6.97
CA TYR B 114 7.80 4.71 -7.87
C TYR B 114 6.67 3.81 -7.41
N SER B 115 5.65 4.37 -6.77
CA SER B 115 4.52 3.59 -6.27
C SER B 115 3.52 4.47 -5.52
N TYR B 116 2.26 4.08 -5.52
CA TYR B 116 1.23 4.82 -4.79
C TYR B 116 0.02 3.94 -4.47
N SER B 117 -0.62 4.21 -3.34
CA SER B 117 -1.80 3.46 -2.90
C SER B 117 -2.97 4.42 -2.76
N THR B 118 -4.10 4.09 -3.37
CA THR B 118 -5.26 4.96 -3.24
C THR B 118 -6.34 4.23 -2.43
N THR B 119 -7.07 4.96 -1.60
CA THR B 119 -8.10 4.37 -0.75
C THR B 119 -9.38 5.18 -0.65
N ALA B 120 -10.49 4.46 -0.74
CA ALA B 120 -11.83 5.05 -0.67
C ALA B 120 -12.46 4.88 0.69
N VAL B 121 -13.04 5.95 1.22
CA VAL B 121 -13.70 5.88 2.51
C VAL B 121 -15.08 6.50 2.37
N VAL B 122 -16.12 5.67 2.38
CA VAL B 122 -17.48 6.14 2.23
C VAL B 122 -18.23 6.26 3.57
N SER B 123 -18.73 7.46 3.85
CA SER B 123 -19.47 7.74 5.07
C SER B 123 -20.95 7.81 4.71
N ASN B 124 -21.79 7.42 5.65
CA ASN B 124 -23.23 7.43 5.40
C ASN B 124 -23.98 8.35 6.37
N PRO B 125 -24.36 9.56 5.89
CA PRO B 125 -25.10 10.53 6.71
C PRO B 125 -26.49 9.99 7.01
N GLN B 126 -26.87 10.00 8.29
CA GLN B 126 -28.18 9.51 8.70
C GLN B 126 -29.28 10.34 8.03
N ASN B 127 -29.87 9.77 6.99
CA ASN B 127 -30.92 10.42 6.21
C ASN B 127 -32.27 10.47 6.93
N SER C 8 3.65 -22.27 -5.84
CA SER C 8 5.03 -22.04 -6.39
C SER C 8 5.98 -23.17 -6.02
N LYS C 9 7.28 -22.89 -6.10
CA LYS C 9 8.31 -23.87 -5.79
C LYS C 9 8.84 -23.82 -4.36
N CYS C 10 9.44 -22.69 -3.96
CA CYS C 10 9.98 -22.55 -2.60
C CYS C 10 8.85 -22.49 -1.56
N PRO C 11 9.00 -23.19 -0.43
CA PRO C 11 8.01 -23.22 0.66
C PRO C 11 7.83 -21.84 1.31
N LEU C 12 8.93 -21.11 1.43
CA LEU C 12 8.91 -19.78 2.03
C LEU C 12 9.81 -18.89 1.19
N MET C 13 9.17 -17.91 0.55
CA MET C 13 9.86 -16.99 -0.34
C MET C 13 9.62 -15.58 0.14
N VAL C 14 10.68 -14.79 0.22
CA VAL C 14 10.58 -13.42 0.66
C VAL C 14 11.09 -12.52 -0.44
N LYS C 15 10.29 -11.55 -0.84
CA LYS C 15 10.64 -10.62 -1.89
C LYS C 15 10.51 -9.22 -1.33
N VAL C 16 11.55 -8.41 -1.49
CA VAL C 16 11.53 -7.05 -0.98
C VAL C 16 11.75 -6.02 -2.07
N LEU C 17 10.88 -5.02 -2.12
CA LEU C 17 10.97 -3.96 -3.13
C LEU C 17 11.24 -2.59 -2.51
N ASP C 18 11.90 -1.72 -3.29
CA ASP C 18 12.25 -0.36 -2.88
C ASP C 18 11.37 0.59 -3.66
N ALA C 19 10.45 1.27 -2.97
CA ALA C 19 9.50 2.20 -3.60
C ALA C 19 10.01 3.61 -3.90
N VAL C 20 11.25 3.89 -3.54
CA VAL C 20 11.85 5.20 -3.79
C VAL C 20 12.63 5.20 -5.10
N ARG C 21 13.36 4.12 -5.34
CA ARG C 21 14.20 3.99 -6.52
C ARG C 21 13.59 3.08 -7.57
N GLY C 22 12.42 2.52 -7.25
CA GLY C 22 11.74 1.62 -8.16
C GLY C 22 12.64 0.47 -8.56
N SER C 23 13.20 -0.21 -7.57
CA SER C 23 14.09 -1.34 -7.81
C SER C 23 14.10 -2.33 -6.64
N PRO C 24 14.60 -3.55 -6.89
CA PRO C 24 14.68 -4.58 -5.85
C PRO C 24 15.54 -4.09 -4.70
N ALA C 25 15.08 -4.31 -3.47
CA ALA C 25 15.86 -3.91 -2.29
C ALA C 25 16.90 -5.00 -2.05
N VAL C 26 18.11 -4.80 -2.56
CA VAL C 26 19.19 -5.77 -2.43
C VAL C 26 19.95 -5.73 -1.09
N ASP C 27 20.30 -6.91 -0.58
CA ASP C 27 21.04 -7.06 0.67
C ASP C 27 20.29 -6.71 1.94
N VAL C 28 19.06 -7.18 2.04
CA VAL C 28 18.27 -6.92 3.23
C VAL C 28 18.37 -8.13 4.17
N ALA C 29 18.67 -7.86 5.43
CA ALA C 29 18.79 -8.92 6.42
C ALA C 29 17.41 -9.47 6.75
N VAL C 30 17.21 -10.74 6.43
CA VAL C 30 15.94 -11.42 6.71
C VAL C 30 16.22 -12.51 7.70
N LYS C 31 15.44 -12.53 8.78
CA LYS C 31 15.58 -13.53 9.83
C LYS C 31 14.20 -14.12 10.05
N VAL C 32 14.13 -15.44 10.19
CA VAL C 32 12.86 -16.11 10.41
C VAL C 32 12.96 -16.84 11.74
N PHE C 33 11.94 -16.70 12.57
CA PHE C 33 11.88 -17.34 13.89
C PHE C 33 10.62 -18.19 14.03
N LYS C 34 10.70 -19.20 14.89
CA LYS C 34 9.58 -20.11 15.15
C LYS C 34 9.21 -20.16 16.62
N LYS C 35 7.92 -20.06 16.91
CA LYS C 35 7.41 -20.10 18.27
C LYS C 35 7.48 -21.52 18.80
N THR C 36 8.01 -21.68 20.01
CA THR C 36 8.11 -23.00 20.64
C THR C 36 6.89 -23.21 21.54
N ALA C 37 6.76 -24.41 22.08
CA ALA C 37 5.64 -24.76 22.96
C ALA C 37 5.42 -23.81 24.13
N ASP C 38 6.50 -23.29 24.71
CA ASP C 38 6.40 -22.38 25.85
C ASP C 38 6.34 -20.90 25.49
N GLY C 39 6.06 -20.61 24.22
CA GLY C 39 5.94 -19.24 23.78
C GLY C 39 7.22 -18.49 23.42
N SER C 40 8.37 -19.12 23.60
CA SER C 40 9.64 -18.45 23.27
C SER C 40 9.82 -18.35 21.74
N TRP C 41 10.82 -17.57 21.33
CA TRP C 41 11.13 -17.39 19.91
C TRP C 41 12.45 -18.05 19.62
N GLU C 42 12.39 -19.08 18.80
CA GLU C 42 13.56 -19.85 18.41
C GLU C 42 13.97 -19.50 16.98
N PRO C 43 15.26 -19.20 16.75
CA PRO C 43 15.70 -18.87 15.39
C PRO C 43 15.50 -20.06 14.47
N PHE C 44 14.81 -19.83 13.36
CA PHE C 44 14.50 -20.84 12.36
C PHE C 44 15.45 -20.84 11.15
N ALA C 45 15.62 -19.67 10.53
CA ALA C 45 16.49 -19.52 9.36
C ALA C 45 16.71 -18.04 9.08
N SER C 46 17.62 -17.73 8.17
CA SER C 46 17.90 -16.36 7.83
C SER C 46 18.79 -16.24 6.61
N GLY C 47 18.83 -15.05 6.02
CA GLY C 47 19.65 -14.79 4.86
C GLY C 47 19.71 -13.30 4.54
N LYS C 48 19.84 -12.99 3.24
CA LYS C 48 19.89 -11.63 2.70
C LYS C 48 19.35 -11.72 1.29
N THR C 49 18.56 -10.74 0.89
CA THR C 49 18.00 -10.72 -0.45
C THR C 49 19.09 -10.51 -1.51
N ALA C 50 18.94 -11.17 -2.65
CA ALA C 50 19.90 -11.06 -3.74
C ALA C 50 19.61 -9.87 -4.67
N GLU C 51 20.33 -9.79 -5.79
CA GLU C 51 20.15 -8.70 -6.76
C GLU C 51 18.70 -8.54 -7.22
N SER C 52 17.93 -9.62 -7.19
CA SER C 52 16.53 -9.59 -7.61
C SER C 52 15.58 -9.17 -6.50
N GLY C 53 16.12 -8.97 -5.31
CA GLY C 53 15.30 -8.56 -4.18
C GLY C 53 14.55 -9.72 -3.57
N GLU C 54 14.93 -10.92 -3.96
CA GLU C 54 14.33 -12.16 -3.47
C GLU C 54 15.28 -12.92 -2.56
N LEU C 55 14.73 -13.75 -1.69
CA LEU C 55 15.55 -14.57 -0.79
C LEU C 55 15.14 -16.00 -1.08
N HIS C 56 16.11 -16.81 -1.51
CA HIS C 56 15.84 -18.20 -1.85
C HIS C 56 16.56 -19.21 -0.95
N GLY C 57 15.83 -20.22 -0.50
CA GLY C 57 16.44 -21.26 0.32
C GLY C 57 16.34 -21.16 1.83
N LEU C 58 15.22 -20.65 2.32
CA LEU C 58 15.05 -20.55 3.77
C LEU C 58 14.71 -21.88 4.42
N THR C 59 13.84 -22.65 3.77
CA THR C 59 13.42 -23.93 4.35
C THR C 59 12.85 -24.95 3.33
N THR C 60 13.00 -26.24 3.66
CA THR C 60 12.45 -27.32 2.84
C THR C 60 11.07 -27.57 3.44
N ASP C 61 10.21 -28.29 2.73
CA ASP C 61 8.89 -28.54 3.27
C ASP C 61 8.97 -29.40 4.51
N GLU C 62 9.98 -30.27 4.56
CA GLU C 62 10.16 -31.14 5.70
C GLU C 62 10.37 -30.33 6.97
N LYS C 63 11.31 -29.40 6.92
CA LYS C 63 11.65 -28.52 8.05
C LYS C 63 10.53 -27.52 8.42
N PHE C 64 9.89 -26.95 7.41
CA PHE C 64 8.82 -25.97 7.57
C PHE C 64 7.53 -26.63 8.09
N THR C 65 7.52 -27.03 9.38
CA THR C 65 6.33 -27.67 9.95
C THR C 65 5.28 -26.66 10.39
N GLU C 66 4.09 -27.16 10.71
CA GLU C 66 3.00 -26.31 11.17
C GLU C 66 3.41 -25.54 12.40
N GLY C 67 3.00 -24.27 12.45
CA GLY C 67 3.31 -23.43 13.59
C GLY C 67 3.28 -21.96 13.26
N VAL C 68 3.46 -21.12 14.28
CA VAL C 68 3.51 -19.66 14.14
C VAL C 68 4.94 -19.28 13.81
N TYR C 69 5.10 -18.46 12.78
CA TYR C 69 6.41 -18.00 12.33
C TYR C 69 6.52 -16.51 12.43
N ARG C 70 7.76 -16.03 12.42
CA ARG C 70 8.03 -14.60 12.50
C ARG C 70 9.15 -14.29 11.54
N VAL C 71 8.86 -13.43 10.58
CA VAL C 71 9.84 -13.03 9.60
C VAL C 71 10.23 -11.58 9.91
N GLU C 72 11.52 -11.35 10.14
CA GLU C 72 12.00 -10.01 10.45
C GLU C 72 12.94 -9.48 9.39
N LEU C 73 12.54 -8.37 8.77
CA LEU C 73 13.35 -7.73 7.74
C LEU C 73 13.96 -6.51 8.39
N ASP C 74 15.30 -6.44 8.39
CA ASP C 74 15.99 -5.30 8.97
C ASP C 74 15.94 -4.09 8.01
N THR C 75 14.82 -3.39 8.06
CA THR C 75 14.57 -2.22 7.22
C THR C 75 15.41 -1.00 7.58
N LYS C 76 15.72 -0.84 8.86
CA LYS C 76 16.52 0.30 9.33
C LYS C 76 17.93 0.36 8.73
N SER C 77 18.60 -0.78 8.60
CA SER C 77 19.94 -0.84 8.03
C SER C 77 19.96 -0.52 6.55
N TYR C 78 18.92 -0.94 5.84
CA TYR C 78 18.80 -0.68 4.40
C TYR C 78 18.85 0.80 4.15
N TRP C 79 17.96 1.54 4.81
CA TRP C 79 17.91 2.97 4.63
C TRP C 79 19.14 3.65 5.18
N LYS C 80 19.64 3.14 6.30
CA LYS C 80 20.80 3.71 6.96
C LYS C 80 22.02 3.73 6.06
N ALA C 81 22.16 2.70 5.23
CA ALA C 81 23.31 2.61 4.34
C ALA C 81 23.29 3.66 3.23
N LEU C 82 22.09 4.07 2.82
CA LEU C 82 21.91 5.07 1.76
C LEU C 82 21.92 6.51 2.27
N GLY C 83 22.06 6.67 3.59
CA GLY C 83 22.07 8.01 4.17
C GLY C 83 20.71 8.53 4.57
N ILE C 84 19.72 7.65 4.53
CA ILE C 84 18.36 7.98 4.93
C ILE C 84 18.12 7.43 6.34
N SER C 85 17.44 8.22 7.17
CA SER C 85 17.12 7.78 8.52
C SER C 85 15.64 7.43 8.46
N PRO C 86 15.32 6.12 8.50
CA PRO C 86 13.94 5.65 8.44
C PRO C 86 13.23 5.83 9.74
N PHE C 87 11.94 5.49 9.73
CA PHE C 87 11.10 5.58 10.90
C PHE C 87 11.19 4.27 11.71
N HIS C 88 10.77 3.16 11.11
CA HIS C 88 10.76 1.85 11.75
C HIS C 88 12.14 1.22 12.01
N GLU C 89 12.23 0.49 13.13
CA GLU C 89 13.46 -0.21 13.54
C GLU C 89 13.66 -1.43 12.65
N TYR C 90 12.55 -2.02 12.24
CA TYR C 90 12.54 -3.20 11.39
C TYR C 90 11.12 -3.44 10.92
N ALA C 91 10.99 -4.18 9.85
CA ALA C 91 9.68 -4.54 9.33
C ALA C 91 9.49 -5.96 9.83
N GLU C 92 8.26 -6.30 10.19
CA GLU C 92 7.99 -7.62 10.73
C GLU C 92 6.64 -8.22 10.32
N VAL C 93 6.69 -9.49 9.93
CA VAL C 93 5.51 -10.23 9.53
C VAL C 93 5.40 -11.51 10.37
N VAL C 94 4.34 -11.61 11.18
CA VAL C 94 4.10 -12.79 12.01
C VAL C 94 2.88 -13.53 11.48
N PHE C 95 2.99 -14.85 11.30
CA PHE C 95 1.87 -15.61 10.77
C PHE C 95 1.91 -17.08 11.16
N THR C 96 0.77 -17.74 10.99
CA THR C 96 0.61 -19.16 11.30
C THR C 96 0.75 -19.94 10.00
N ALA C 97 1.47 -21.06 10.01
CA ALA C 97 1.64 -21.82 8.77
C ALA C 97 1.40 -23.31 8.81
N ASN C 98 0.77 -23.83 7.76
CA ASN C 98 0.49 -25.25 7.60
C ASN C 98 -0.46 -25.84 8.64
N ASP C 99 -1.26 -24.98 9.28
CA ASP C 99 -2.22 -25.44 10.30
C ASP C 99 -3.37 -26.21 9.62
N SER C 100 -3.67 -25.81 8.39
CA SER C 100 -4.69 -26.45 7.58
C SER C 100 -4.00 -27.61 6.86
N GLY C 101 -3.03 -27.25 6.02
CA GLY C 101 -2.27 -28.23 5.26
C GLY C 101 -1.00 -27.55 4.77
N HIS C 102 -0.09 -28.34 4.21
CA HIS C 102 1.16 -27.80 3.72
C HIS C 102 1.00 -26.89 2.53
N ARG C 103 1.41 -25.64 2.70
CA ARG C 103 1.34 -24.65 1.64
C ARG C 103 2.72 -24.02 1.39
N HIS C 104 2.84 -23.35 0.26
CA HIS C 104 4.05 -22.63 -0.12
C HIS C 104 3.67 -21.16 -0.02
N TYR C 105 4.45 -20.41 0.74
CA TYR C 105 4.19 -19.00 0.97
C TYR C 105 5.18 -18.05 0.33
N THR C 106 4.69 -16.90 -0.12
CA THR C 106 5.57 -15.86 -0.69
C THR C 106 5.21 -14.61 0.10
N ILE C 107 6.18 -14.06 0.82
CA ILE C 107 5.94 -12.86 1.59
C ILE C 107 6.60 -11.69 0.88
N ALA C 108 5.80 -10.87 0.21
CA ALA C 108 6.33 -9.72 -0.51
C ALA C 108 6.19 -8.51 0.38
N ALA C 109 7.18 -7.62 0.34
CA ALA C 109 7.17 -6.41 1.14
C ALA C 109 7.70 -5.24 0.31
N LEU C 110 7.06 -4.07 0.43
CA LEU C 110 7.45 -2.88 -0.31
C LEU C 110 7.89 -1.77 0.66
N LEU C 111 9.17 -1.44 0.63
CA LEU C 111 9.76 -0.44 1.53
C LEU C 111 9.81 1.02 1.12
N SER C 112 9.64 1.87 2.13
CA SER C 112 9.67 3.32 1.99
C SER C 112 10.14 3.82 3.34
N PRO C 113 11.00 4.87 3.37
CA PRO C 113 11.50 5.40 4.64
C PRO C 113 10.51 5.49 5.80
N TYR C 114 9.35 6.05 5.56
CA TYR C 114 8.37 6.19 6.62
C TYR C 114 7.16 5.27 6.49
N SER C 115 7.21 4.36 5.53
CA SER C 115 6.10 3.44 5.33
C SER C 115 6.50 2.13 4.67
N TYR C 116 5.68 1.10 4.86
CA TYR C 116 5.91 -0.21 4.26
C TYR C 116 4.63 -1.01 4.26
N SER C 117 4.37 -1.66 3.12
CA SER C 117 3.19 -2.50 2.97
C SER C 117 3.66 -3.94 2.72
N THR C 118 2.94 -4.91 3.28
CA THR C 118 3.32 -6.30 3.13
C THR C 118 2.15 -7.18 2.69
N THR C 119 2.39 -8.06 1.72
CA THR C 119 1.37 -8.97 1.20
C THR C 119 1.84 -10.42 1.22
N ALA C 120 0.89 -11.33 1.27
CA ALA C 120 1.20 -12.75 1.28
C ALA C 120 0.46 -13.53 0.21
N VAL C 121 1.21 -14.34 -0.55
CA VAL C 121 0.65 -15.19 -1.60
C VAL C 121 0.80 -16.63 -1.17
N VAL C 122 -0.33 -17.26 -0.88
CA VAL C 122 -0.37 -18.65 -0.44
C VAL C 122 -0.82 -19.53 -1.60
N SER C 123 0.01 -20.52 -1.95
CA SER C 123 -0.29 -21.43 -3.06
C SER C 123 -0.13 -22.90 -2.69
N ASN C 124 -1.13 -23.69 -3.02
CA ASN C 124 -1.12 -25.11 -2.71
C ASN C 124 -0.19 -25.88 -3.65
N PRO C 125 0.79 -26.62 -3.09
CA PRO C 125 1.75 -27.41 -3.88
C PRO C 125 1.17 -28.60 -4.66
N GLN C 126 0.13 -29.22 -4.13
CA GLN C 126 -0.53 -30.37 -4.78
C GLN C 126 -1.78 -29.98 -5.60
N ASN C 127 -2.50 -30.98 -6.09
CA ASN C 127 -3.72 -30.76 -6.88
C ASN C 127 -4.87 -30.31 -5.97
N SER D 8 -4.94 17.09 18.09
CA SER D 8 -4.23 18.39 18.33
C SER D 8 -3.32 18.31 19.56
N LYS D 9 -3.86 17.80 20.67
CA LYS D 9 -3.11 17.65 21.91
C LYS D 9 -2.80 16.18 22.25
N CYS D 10 -2.86 15.33 21.23
CA CYS D 10 -2.58 13.90 21.38
C CYS D 10 -1.21 13.62 20.74
N PRO D 11 -0.18 13.42 21.57
CA PRO D 11 1.18 13.13 21.10
C PRO D 11 1.24 11.90 20.22
N LEU D 12 0.48 10.88 20.59
CA LEU D 12 0.43 9.63 19.84
C LEU D 12 -1.00 9.32 19.38
N MET D 13 -1.14 9.05 18.08
CA MET D 13 -2.42 8.74 17.46
C MET D 13 -2.27 7.54 16.54
N VAL D 14 -3.33 6.74 16.44
CA VAL D 14 -3.36 5.55 15.61
C VAL D 14 -4.67 5.54 14.85
N LYS D 15 -4.61 5.39 13.53
CA LYS D 15 -5.83 5.36 12.71
C LYS D 15 -5.80 4.14 11.82
N VAL D 16 -6.89 3.37 11.82
CA VAL D 16 -6.96 2.15 11.03
C VAL D 16 -8.14 2.14 10.06
N LEU D 17 -7.94 1.62 8.85
CA LEU D 17 -8.98 1.53 7.83
C LEU D 17 -9.15 0.13 7.30
N ASP D 18 -10.37 -0.19 6.86
CA ASP D 18 -10.72 -1.49 6.31
C ASP D 18 -10.81 -1.33 4.79
N ALA D 19 -10.00 -2.07 4.05
CA ALA D 19 -9.96 -1.98 2.58
C ALA D 19 -11.01 -2.82 1.83
N VAL D 20 -11.69 -3.70 2.55
CA VAL D 20 -12.70 -4.58 1.96
C VAL D 20 -14.11 -3.97 2.04
N ARG D 21 -14.38 -3.24 3.12
CA ARG D 21 -15.69 -2.60 3.31
C ARG D 21 -15.61 -1.09 3.01
N GLY D 22 -14.40 -0.56 2.93
CA GLY D 22 -14.21 0.85 2.64
C GLY D 22 -14.77 1.76 3.71
N SER D 23 -14.21 1.66 4.91
CA SER D 23 -14.63 2.44 6.07
C SER D 23 -13.64 2.15 7.19
N PRO D 24 -13.66 2.96 8.27
CA PRO D 24 -12.76 2.79 9.41
C PRO D 24 -12.85 1.41 10.04
N ALA D 25 -11.73 0.93 10.58
CA ALA D 25 -11.73 -0.37 11.25
C ALA D 25 -12.13 -0.14 12.69
N VAL D 26 -13.40 -0.36 12.99
CA VAL D 26 -13.94 -0.17 14.34
C VAL D 26 -13.58 -1.35 15.26
N ASP D 27 -13.46 -1.07 16.56
CA ASP D 27 -13.15 -2.08 17.56
C ASP D 27 -11.89 -2.91 17.32
N VAL D 28 -10.82 -2.24 16.90
CA VAL D 28 -9.56 -2.93 16.68
C VAL D 28 -8.74 -2.62 17.93
N ALA D 29 -8.23 -3.68 18.55
CA ALA D 29 -7.44 -3.58 19.78
C ALA D 29 -6.02 -3.14 19.55
N VAL D 30 -5.62 -2.05 20.22
CA VAL D 30 -4.28 -1.52 20.11
C VAL D 30 -3.58 -1.57 21.46
N LYS D 31 -2.33 -2.00 21.45
CA LYS D 31 -1.53 -2.08 22.67
C LYS D 31 -0.15 -1.50 22.43
N VAL D 32 0.15 -0.41 23.10
CA VAL D 32 1.44 0.27 22.98
C VAL D 32 2.40 -0.13 24.10
N PHE D 33 3.60 -0.54 23.71
CA PHE D 33 4.62 -0.93 24.67
C PHE D 33 5.74 0.10 24.56
N LYS D 34 6.61 0.12 25.56
CA LYS D 34 7.75 1.01 25.56
C LYS D 34 8.96 0.24 26.08
N LYS D 35 10.02 0.26 25.30
CA LYS D 35 11.26 -0.41 25.65
C LYS D 35 11.64 0.20 26.99
N THR D 36 11.82 -0.65 28.00
CA THR D 36 12.16 -0.20 29.34
C THR D 36 13.67 -0.07 29.55
N ALA D 37 14.05 0.57 30.65
CA ALA D 37 15.45 0.81 30.99
C ALA D 37 16.34 -0.43 30.94
N ASP D 38 15.81 -1.57 31.40
CA ASP D 38 16.57 -2.82 31.40
C ASP D 38 16.43 -3.64 30.11
N GLY D 39 15.94 -3.00 29.05
CA GLY D 39 15.79 -3.68 27.76
C GLY D 39 14.53 -4.48 27.51
N SER D 40 13.62 -4.52 28.47
CA SER D 40 12.36 -5.26 28.35
C SER D 40 11.21 -4.37 27.87
N TRP D 41 10.13 -5.00 27.43
CA TRP D 41 8.94 -4.28 26.95
C TRP D 41 7.92 -4.11 28.07
N GLU D 42 7.62 -2.86 28.40
CA GLU D 42 6.67 -2.55 29.46
C GLU D 42 5.39 -1.97 28.87
N PRO D 43 4.22 -2.39 29.39
CA PRO D 43 2.93 -1.88 28.89
C PRO D 43 2.93 -0.36 28.98
N PHE D 44 2.31 0.29 28.01
CA PHE D 44 2.28 1.75 27.98
C PHE D 44 0.87 2.30 27.85
N ALA D 45 0.13 1.81 26.85
CA ALA D 45 -1.24 2.23 26.63
C ALA D 45 -1.98 1.12 25.86
N SER D 46 -3.29 1.07 26.02
CA SER D 46 -4.13 0.08 25.35
C SER D 46 -5.46 0.74 25.06
N GLY D 47 -6.14 0.27 24.03
CA GLY D 47 -7.44 0.81 23.68
C GLY D 47 -7.94 0.23 22.39
N LYS D 48 -9.19 0.53 22.04
CA LYS D 48 -9.73 0.01 20.79
C LYS D 48 -10.30 1.12 19.95
N THR D 49 -10.05 1.03 18.65
CA THR D 49 -10.51 2.04 17.69
C THR D 49 -11.99 2.38 17.81
N ALA D 50 -12.27 3.68 17.87
CA ALA D 50 -13.64 4.16 17.97
C ALA D 50 -14.33 4.01 16.62
N GLU D 51 -15.51 4.59 16.48
CA GLU D 51 -16.29 4.53 15.24
C GLU D 51 -15.47 5.11 14.09
N SER D 52 -14.62 6.08 14.41
CA SER D 52 -13.76 6.75 13.42
C SER D 52 -12.50 5.94 13.13
N GLY D 53 -12.41 4.76 13.73
CA GLY D 53 -11.24 3.94 13.52
C GLY D 53 -9.96 4.57 14.04
N GLU D 54 -10.03 5.30 15.15
CA GLU D 54 -8.86 5.93 15.75
C GLU D 54 -8.86 6.04 17.27
N LEU D 55 -7.67 6.26 17.83
CA LEU D 55 -7.47 6.40 19.27
C LEU D 55 -6.84 7.75 19.62
N HIS D 56 -7.53 8.52 20.45
CA HIS D 56 -7.04 9.83 20.86
C HIS D 56 -6.44 9.85 22.28
N GLY D 57 -7.12 9.18 23.21
CA GLY D 57 -6.64 9.15 24.58
C GLY D 57 -5.47 8.23 24.88
N LEU D 58 -4.63 7.93 23.89
CA LEU D 58 -3.50 7.05 24.12
C LEU D 58 -2.55 7.52 25.21
N THR D 59 -1.99 8.72 25.04
CA THR D 59 -1.05 9.26 26.01
C THR D 59 -1.04 10.79 26.07
N THR D 60 -0.13 11.33 26.87
CA THR D 60 -0.01 12.78 27.03
C THR D 60 1.40 13.27 26.71
N ASP D 61 1.52 14.55 26.35
CA ASP D 61 2.80 15.17 26.00
C ASP D 61 3.90 15.04 27.07
N GLU D 62 3.52 14.67 28.30
CA GLU D 62 4.48 14.52 29.40
C GLU D 62 4.84 13.06 29.69
N LYS D 63 3.86 12.17 29.58
CA LYS D 63 4.06 10.73 29.82
C LYS D 63 4.77 10.11 28.61
N PHE D 64 4.49 10.66 27.43
CA PHE D 64 5.09 10.19 26.18
C PHE D 64 6.47 10.80 26.04
N THR D 65 7.45 10.16 26.67
CA THR D 65 8.83 10.62 26.65
C THR D 65 9.62 9.88 25.56
N GLU D 66 10.90 10.21 25.43
CA GLU D 66 11.77 9.57 24.44
C GLU D 66 12.02 8.07 24.68
N GLY D 67 12.19 7.35 23.58
CA GLY D 67 12.44 5.92 23.66
C GLY D 67 11.93 5.19 22.42
N VAL D 68 12.07 3.86 22.41
CA VAL D 68 11.60 3.04 21.30
C VAL D 68 10.28 2.36 21.68
N TYR D 69 9.21 2.76 21.00
CA TYR D 69 7.90 2.22 21.25
C TYR D 69 7.46 1.11 20.32
N ARG D 70 6.52 0.31 20.79
CA ARG D 70 5.96 -0.79 20.02
C ARG D 70 4.45 -0.68 20.03
N VAL D 71 3.88 -0.57 18.84
CA VAL D 71 2.44 -0.49 18.66
C VAL D 71 2.07 -1.84 18.04
N GLU D 72 1.06 -2.50 18.61
CA GLU D 72 0.63 -3.80 18.11
C GLU D 72 -0.88 -3.79 17.91
N LEU D 73 -1.29 -3.99 16.66
CA LEU D 73 -2.70 -4.01 16.30
C LEU D 73 -3.14 -5.46 16.19
N ASP D 74 -4.26 -5.81 16.83
CA ASP D 74 -4.77 -7.18 16.80
C ASP D 74 -5.72 -7.37 15.62
N THR D 75 -5.13 -7.54 14.44
CA THR D 75 -5.88 -7.71 13.21
C THR D 75 -6.56 -9.07 13.16
N LYS D 76 -5.87 -10.11 13.63
CA LYS D 76 -6.42 -11.44 13.59
C LYS D 76 -7.83 -11.51 14.16
N SER D 77 -8.01 -10.93 15.35
CA SER D 77 -9.30 -10.91 16.01
C SER D 77 -10.31 -10.05 15.26
N TYR D 78 -9.81 -9.00 14.60
CA TYR D 78 -10.68 -8.11 13.83
C TYR D 78 -11.34 -8.86 12.70
N TRP D 79 -10.52 -9.60 11.95
CA TRP D 79 -11.01 -10.37 10.81
C TRP D 79 -11.87 -11.56 11.19
N LYS D 80 -11.47 -12.29 12.24
CA LYS D 80 -12.24 -13.45 12.66
C LYS D 80 -13.68 -13.10 13.03
N ALA D 81 -13.85 -12.02 13.79
CA ALA D 81 -15.18 -11.56 14.21
C ALA D 81 -16.06 -11.15 13.02
N LEU D 82 -15.60 -11.47 11.81
CA LEU D 82 -16.30 -11.17 10.57
C LEU D 82 -16.46 -12.43 9.74
N GLY D 83 -15.96 -13.54 10.26
CA GLY D 83 -16.05 -14.79 9.54
C GLY D 83 -14.86 -14.95 8.62
N ILE D 84 -14.04 -13.91 8.51
CA ILE D 84 -12.87 -13.97 7.64
C ILE D 84 -11.63 -14.44 8.37
N SER D 85 -10.98 -15.47 7.81
CA SER D 85 -9.76 -16.01 8.38
C SER D 85 -8.63 -15.29 7.64
N PRO D 86 -7.90 -14.41 8.36
CA PRO D 86 -6.79 -13.61 7.84
C PRO D 86 -5.47 -14.38 7.81
N PHE D 87 -4.46 -13.72 7.23
CA PHE D 87 -3.12 -14.28 7.11
C PHE D 87 -2.26 -14.01 8.34
N HIS D 88 -2.01 -12.72 8.58
CA HIS D 88 -1.18 -12.26 9.69
C HIS D 88 -1.76 -12.48 11.07
N GLU D 89 -0.89 -12.88 12.00
CA GLU D 89 -1.26 -13.12 13.38
C GLU D 89 -1.68 -11.78 14.03
N TYR D 90 -1.00 -10.71 13.60
CA TYR D 90 -1.25 -9.34 14.04
C TYR D 90 -0.32 -8.38 13.28
N ALA D 91 -0.49 -7.08 13.49
CA ALA D 91 0.32 -6.06 12.82
C ALA D 91 1.07 -5.24 13.86
N GLU D 92 2.39 -5.37 13.84
CA GLU D 92 3.25 -4.68 14.79
C GLU D 92 3.99 -3.53 14.11
N VAL D 93 4.18 -2.44 14.85
CA VAL D 93 4.88 -1.26 14.37
C VAL D 93 5.83 -0.80 15.48
N VAL D 94 7.13 -0.95 15.26
CA VAL D 94 8.15 -0.56 16.24
C VAL D 94 8.94 0.64 15.72
N PHE D 95 9.05 1.68 16.55
CA PHE D 95 9.78 2.91 16.15
C PHE D 95 10.43 3.67 17.31
N THR D 96 11.40 4.52 16.99
CA THR D 96 12.07 5.35 17.98
C THR D 96 11.31 6.68 18.01
N ALA D 97 10.94 7.15 19.20
CA ALA D 97 10.20 8.40 19.31
C ALA D 97 10.96 9.54 19.98
N ASN D 98 10.52 10.76 19.68
CA ASN D 98 11.08 12.00 20.20
C ASN D 98 12.61 12.10 20.18
N ASP D 99 13.20 11.75 19.04
CA ASP D 99 14.65 11.84 18.89
C ASP D 99 15.01 13.24 18.33
N SER D 100 13.99 13.99 17.92
CA SER D 100 14.15 15.34 17.39
C SER D 100 13.17 16.31 18.09
N GLY D 101 13.20 16.30 19.43
CA GLY D 101 12.32 17.15 20.21
C GLY D 101 10.94 16.53 20.41
N HIS D 102 10.03 17.26 21.03
CA HIS D 102 8.68 16.74 21.25
C HIS D 102 7.71 17.09 20.11
N ARG D 103 7.50 16.11 19.24
CA ARG D 103 6.65 16.23 18.06
C ARG D 103 5.45 15.25 18.07
N HIS D 104 4.51 15.44 17.14
CA HIS D 104 3.34 14.57 17.04
C HIS D 104 3.54 13.33 16.17
N TYR D 105 2.88 12.25 16.55
CA TYR D 105 3.00 10.99 15.83
C TYR D 105 1.65 10.39 15.48
N THR D 106 1.50 10.05 14.21
CA THR D 106 0.27 9.45 13.74
C THR D 106 0.64 8.18 13.00
N ILE D 107 0.11 7.06 13.47
CA ILE D 107 0.38 5.77 12.86
C ILE D 107 -0.87 5.29 12.17
N ALA D 108 -0.78 5.15 10.86
CA ALA D 108 -1.92 4.71 10.07
C ALA D 108 -1.72 3.29 9.57
N ALA D 109 -2.83 2.60 9.34
CA ALA D 109 -2.81 1.22 8.88
C ALA D 109 -4.02 0.93 8.01
N LEU D 110 -3.76 0.37 6.82
CA LEU D 110 -4.80 -0.01 5.87
C LEU D 110 -4.87 -1.53 5.81
N LEU D 111 -5.88 -2.09 6.47
CA LEU D 111 -6.07 -3.53 6.56
C LEU D 111 -6.85 -4.23 5.45
N SER D 112 -6.41 -5.46 5.15
CA SER D 112 -7.00 -6.36 4.18
C SER D 112 -6.69 -7.73 4.75
N PRO D 113 -7.45 -8.77 4.38
CA PRO D 113 -7.17 -10.10 4.92
C PRO D 113 -5.72 -10.59 4.80
N TYR D 114 -5.15 -10.51 3.60
CA TYR D 114 -3.77 -10.94 3.35
C TYR D 114 -2.74 -9.85 3.17
N SER D 115 -3.13 -8.61 3.45
CA SER D 115 -2.19 -7.51 3.30
C SER D 115 -2.49 -6.33 4.21
N TYR D 116 -1.45 -5.58 4.54
CA TYR D 116 -1.61 -4.40 5.37
C TYR D 116 -0.51 -3.42 5.05
N SER D 117 -0.86 -2.13 5.11
CA SER D 117 0.07 -1.04 4.85
C SER D 117 0.11 -0.16 6.09
N THR D 118 1.26 0.42 6.38
CA THR D 118 1.41 1.31 7.51
C THR D 118 2.29 2.46 7.10
N THR D 119 2.04 3.61 7.71
CA THR D 119 2.78 4.80 7.40
C THR D 119 2.79 5.68 8.65
N ALA D 120 3.84 6.49 8.78
CA ALA D 120 3.94 7.37 9.92
C ALA D 120 3.86 8.77 9.43
N VAL D 121 3.08 9.58 10.14
CA VAL D 121 2.94 10.98 9.81
C VAL D 121 3.44 11.72 11.04
N VAL D 122 4.63 12.31 10.91
CA VAL D 122 5.25 13.04 12.01
C VAL D 122 5.14 14.54 11.80
N SER D 123 4.30 15.16 12.61
CA SER D 123 4.06 16.60 12.54
C SER D 123 4.93 17.38 13.52
N ASN D 124 4.79 18.69 13.46
CA ASN D 124 5.51 19.61 14.34
C ASN D 124 4.38 20.41 14.99
N PRO D 125 4.21 20.30 16.33
CA PRO D 125 3.14 21.01 17.05
C PRO D 125 3.06 22.52 16.82
N GLN D 126 4.09 23.26 17.24
CA GLN D 126 4.13 24.70 17.08
C GLN D 126 5.11 25.08 15.97
N ASN D 127 4.62 25.05 14.74
CA ASN D 127 5.42 25.37 13.55
C ASN D 127 4.81 26.45 12.64
C1 T44 E . 6.52 -10.97 -9.36
C2 T44 E . 6.05 -11.50 -8.16
C3 T44 E . 5.93 -10.65 -7.04
C4 T44 E . 6.27 -9.29 -7.08
C5 T44 E . 6.72 -8.82 -8.32
C6 T44 E . 6.86 -9.64 -9.45
C7 T44 E . 6.72 -11.88 -10.56
CA T44 E . 8.12 -12.52 -10.60
C T44 E . 9.30 -11.47 -10.66
C1' T44 E . 5.04 -7.78 -5.50
C2' T44 E . 3.89 -7.76 -6.25
C3' T44 E . 2.77 -7.07 -5.73
C4' T44 E . 2.79 -6.42 -4.50
C5' T44 E . 3.96 -6.46 -3.79
C6' T44 E . 5.10 -7.14 -4.26
N T44 E . 8.33 -13.36 -9.38
O4 T44 E . 6.18 -8.45 -5.95
O4' T44 E . 1.72 -5.77 -4.05
O T44 E . 10.29 -11.67 -9.94
OXT T44 E . 9.16 -10.51 -11.44
I3 T44 E . 5.23 -11.48 -5.27
I3' T44 E . 1.04 -7.04 -6.85
I5 T44 E . 7.23 -6.83 -8.51
I5' T44 E . 4.05 -5.50 -1.94
C1 T44 F . -6.57 11.78 7.46
C2 T44 F . -7.45 11.01 6.73
C3 T44 F . -7.15 9.65 6.54
C4 T44 F . -5.99 9.03 7.03
C5 T44 F . -5.13 9.89 7.75
C6 T44 F . -5.41 11.24 7.97
C7 T44 F . -6.97 13.19 7.84
CA T44 F . -8.03 13.22 8.95
C T44 F . -7.57 12.51 10.28
C1' T44 F . -4.90 7.02 5.90
C2' T44 F . -4.14 5.93 6.33
C3' T44 F . -3.31 5.26 5.41
C4' T44 F . -3.23 5.62 4.09
C5' T44 F . -4.00 6.69 3.70
C6' T44 F . -4.85 7.42 4.57
N T44 F . -8.36 14.63 9.30
O4 T44 F . -5.75 7.65 6.85
O4' T44 F . -2.45 4.95 3.25
O T44 F . -6.57 12.96 10.83
OXT T44 F . -8.25 11.56 10.67
I3 T44 F . -8.55 8.57 5.46
I3' T44 F . -2.17 3.63 6.02
I5 T44 F . -3.37 9.17 8.57
I5' T44 F . -3.87 7.23 1.70
#